data_1W57
#
_entry.id   1W57
#
_cell.length_a   107.760
_cell.length_b   107.760
_cell.length_c   161.004
_cell.angle_alpha   90.00
_cell.angle_beta   90.00
_cell.angle_gamma   120.00
#
_symmetry.space_group_name_H-M   'P 63 2 2'
#
loop_
_entity.id
_entity.type
_entity.pdbx_description
1 polymer 'ISPD/ISPF BIFUNCTIONAL ENZYME'
2 non-polymer 'ZINC ION'
3 non-polymer "CYTIDINE-5'-MONOPHOSPHATE"
4 non-polymer 'GERANYL DIPHOSPHATE'
5 water water
#
_entity_poly.entity_id   1
_entity_poly.type   'polypeptide(L)'
_entity_poly.pdbx_seq_one_letter_code
;MSEMSLIMLAAGNSTRFNTKVKKQFLRLGNDPLWLYATKNLSSFYPFKKIVVTSSNITYMKKFTKNYEFIEGGDTRAESL
KKALELIDSEFVMVSDVARVLVSKNLFDRLIENLDKADCITPALKVADTTLFDNEALQREKIKLIQTPQISKTKLLKKAL
DQNLEFTDDSTAIAAMGGKIWFVEGEENARKLTFKEDLKKLDLPTPSFEIFTGNGFDVHEFGENRPLLLAGVQIHPTMGL
KAHSDGDVLAHSLTDAILGAAGLGDIGELYPDTDMKFKNANSMELLKQAYDKVREIGFELINIDICVMAQSPKLKDFKQA
MQSNIAHTLDLDEFRINVKATTTEKLGFIGRKEGMAVLSSVNLKYFDWTRL
;
_entity_poly.pdbx_strand_id   A
#
loop_
_chem_comp.id
_chem_comp.type
_chem_comp.name
_chem_comp.formula
C5P non-polymer CYTIDINE-5'-MONOPHOSPHATE 'C9 H14 N3 O8 P'
GPP non-polymer 'GERANYL DIPHOSPHATE' 'C10 H20 O7 P2'
ZN non-polymer 'ZINC ION' 'Zn 2'
#
# COMPACT_ATOMS: atom_id res chain seq x y z
N GLU A 3 -21.70 -12.10 -23.40
CA GLU A 3 -20.31 -12.21 -22.85
C GLU A 3 -19.65 -10.84 -22.50
N MET A 4 -19.10 -10.75 -21.28
CA MET A 4 -18.61 -9.51 -20.65
C MET A 4 -17.44 -9.80 -19.69
N SER A 5 -16.39 -8.99 -19.80
CA SER A 5 -15.20 -9.07 -18.93
C SER A 5 -15.14 -7.90 -17.93
N LEU A 6 -14.31 -8.02 -16.88
CA LEU A 6 -14.22 -6.97 -15.87
C LEU A 6 -12.83 -6.38 -15.71
N ILE A 7 -12.73 -5.05 -15.72
CA ILE A 7 -11.50 -4.38 -15.33
C ILE A 7 -11.65 -3.62 -14.00
N MET A 8 -10.79 -3.97 -13.03
CA MET A 8 -10.66 -3.19 -11.80
C MET A 8 -9.43 -2.30 -11.88
N LEU A 9 -9.65 -0.98 -11.92
CA LEU A 9 -8.54 -0.07 -11.94
C LEU A 9 -8.06 0.25 -10.51
N ALA A 10 -6.87 -0.26 -10.18
CA ALA A 10 -6.29 -0.18 -8.84
C ALA A 10 -4.85 0.37 -8.84
N ALA A 11 -4.44 0.97 -9.95
CA ALA A 11 -3.09 1.47 -10.08
C ALA A 11 -3.03 2.93 -9.71
N GLY A 12 -1.85 3.50 -9.91
CA GLY A 12 -1.59 4.87 -9.52
C GLY A 12 -1.44 5.00 -8.02
N ASN A 13 -1.49 6.24 -7.57
CA ASN A 13 -1.31 6.60 -6.17
C ASN A 13 -1.11 8.11 -6.05
N SER A 14 -1.77 8.71 -5.07
CA SER A 14 -1.63 10.14 -4.81
C SER A 14 -1.99 10.43 -3.35
N THR A 15 -1.47 11.54 -2.81
CA THR A 15 -1.73 11.94 -1.42
C THR A 15 -3.05 12.72 -1.19
N ARG A 16 -4.09 12.41 -1.98
CA ARG A 16 -5.41 12.97 -1.72
C ARG A 16 -5.92 12.37 -0.41
N PHE A 17 -6.33 11.11 -0.46
CA PHE A 17 -6.70 10.36 0.75
C PHE A 17 -5.47 10.30 1.59
N ASN A 18 -4.39 10.03 0.88
CA ASN A 18 -3.28 9.31 1.44
C ASN A 18 -2.53 10.02 2.56
N THR A 19 -1.64 9.26 3.17
CA THR A 19 -1.05 9.60 4.42
C THR A 19 0.34 9.06 4.25
N LYS A 20 0.61 7.95 4.95
CA LYS A 20 1.78 7.14 4.72
C LYS A 20 1.32 5.78 4.18
N VAL A 21 -0.01 5.62 4.02
CA VAL A 21 -0.63 4.33 3.65
C VAL A 21 -1.50 4.37 2.38
N LYS A 22 -1.15 3.55 1.37
CA LYS A 22 -1.93 3.45 0.14
C LYS A 22 -3.28 2.83 0.43
N LYS A 23 -4.32 3.39 -0.19
CA LYS A 23 -5.71 3.08 0.16
C LYS A 23 -6.20 1.76 -0.42
N GLN A 24 -5.54 1.28 -1.46
CA GLN A 24 -5.87 -0.03 -2.01
C GLN A 24 -5.35 -1.09 -1.06
N PHE A 25 -4.43 -0.69 -0.19
CA PHE A 25 -3.87 -1.59 0.82
C PHE A 25 -4.48 -1.56 2.21
N LEU A 26 -5.51 -0.74 2.42
CA LEU A 26 -6.29 -0.73 3.66
C LEU A 26 -6.90 -2.10 3.85
N ARG A 27 -7.00 -2.57 5.09
CA ARG A 27 -7.58 -3.89 5.33
C ARG A 27 -9.05 -3.78 5.67
N LEU A 28 -9.86 -4.48 4.88
CA LEU A 28 -11.29 -4.63 5.13
C LEU A 28 -11.55 -6.13 5.24
N GLY A 29 -11.61 -6.64 6.48
CA GLY A 29 -11.66 -8.08 6.70
C GLY A 29 -10.23 -8.54 6.58
N ASN A 30 -10.01 -9.76 6.09
CA ASN A 30 -8.61 -10.21 5.88
C ASN A 30 -7.98 -9.61 4.64
N ASP A 31 -8.84 -9.25 3.68
CA ASP A 31 -8.46 -8.79 2.34
C ASP A 31 -8.10 -7.31 2.30
N PRO A 32 -7.03 -6.96 1.59
CA PRO A 32 -6.78 -5.57 1.24
C PRO A 32 -7.88 -5.04 0.32
N LEU A 33 -8.13 -3.72 0.42
CA LEU A 33 -9.20 -3.05 -0.28
C LEU A 33 -9.30 -3.45 -1.75
N TRP A 34 -8.18 -3.44 -2.46
CA TRP A 34 -8.22 -3.70 -3.90
C TRP A 34 -8.83 -5.06 -4.19
N LEU A 35 -8.48 -6.06 -3.38
CA LEU A 35 -8.96 -7.43 -3.55
C LEU A 35 -10.37 -7.58 -3.00
N TYR A 36 -10.63 -6.97 -1.85
CA TYR A 36 -11.98 -6.90 -1.34
C TYR A 36 -12.94 -6.40 -2.46
N ALA A 37 -12.59 -5.31 -3.12
CA ALA A 37 -13.44 -4.70 -4.14
C ALA A 37 -13.63 -5.60 -5.38
N THR A 38 -12.52 -6.15 -5.85
CA THR A 38 -12.48 -7.08 -6.97
C THR A 38 -13.25 -8.34 -6.64
N LYS A 39 -13.07 -8.86 -5.43
CA LYS A 39 -13.85 -10.01 -4.98
C LYS A 39 -15.36 -9.71 -5.04
N ASN A 40 -15.76 -8.51 -4.59
CA ASN A 40 -17.18 -8.15 -4.49
C ASN A 40 -17.81 -8.10 -5.87
N LEU A 41 -17.16 -7.40 -6.80
CA LEU A 41 -17.69 -7.29 -8.15
C LEU A 41 -17.70 -8.67 -8.83
N SER A 42 -16.67 -9.47 -8.56
CA SER A 42 -16.47 -10.74 -9.24
C SER A 42 -17.49 -11.79 -8.81
N SER A 43 -18.10 -11.56 -7.65
CA SER A 43 -19.14 -12.45 -7.14
C SER A 43 -20.41 -12.31 -7.96
N PHE A 44 -20.57 -11.17 -8.63
CA PHE A 44 -21.85 -10.75 -9.21
C PHE A 44 -22.18 -11.37 -10.57
N TYR A 45 -21.22 -11.99 -11.23
CA TYR A 45 -21.35 -12.33 -12.64
C TYR A 45 -20.13 -13.15 -12.99
N PRO A 46 -20.31 -14.18 -13.81
CA PRO A 46 -19.16 -14.92 -14.33
C PRO A 46 -18.52 -14.13 -15.49
N PHE A 47 -17.50 -13.32 -15.17
CA PHE A 47 -16.78 -12.61 -16.21
C PHE A 47 -15.86 -13.60 -16.92
N LYS A 48 -15.79 -13.47 -18.25
CA LYS A 48 -14.89 -14.27 -19.08
C LYS A 48 -13.42 -14.06 -18.69
N LYS A 49 -13.08 -12.81 -18.39
CA LYS A 49 -11.73 -12.45 -17.94
C LYS A 49 -11.81 -11.35 -16.88
N ILE A 50 -11.02 -11.47 -15.81
CA ILE A 50 -10.93 -10.37 -14.84
C ILE A 50 -9.53 -9.80 -14.84
N VAL A 51 -9.43 -8.51 -15.15
CA VAL A 51 -8.15 -7.83 -15.15
C VAL A 51 -8.09 -6.73 -14.09
N VAL A 52 -6.96 -6.67 -13.39
CA VAL A 52 -6.74 -5.65 -12.36
C VAL A 52 -5.49 -4.83 -12.69
N THR A 53 -5.62 -3.50 -12.78
CA THR A 53 -4.45 -2.65 -13.04
C THR A 53 -3.73 -2.31 -11.74
N SER A 54 -2.40 -2.27 -11.80
CA SER A 54 -1.57 -2.27 -10.60
C SER A 54 -0.31 -1.42 -10.68
N SER A 55 0.06 -0.81 -9.55
CA SER A 55 1.35 -0.16 -9.41
C SER A 55 2.26 -1.04 -8.60
N ASN A 56 1.78 -2.26 -8.35
CA ASN A 56 2.39 -3.21 -7.41
C ASN A 56 2.13 -4.68 -7.80
N ILE A 57 2.28 -5.01 -9.09
CA ILE A 57 1.93 -6.35 -9.58
C ILE A 57 2.51 -7.47 -8.69
N THR A 58 3.82 -7.41 -8.48
CA THR A 58 4.51 -8.51 -7.85
C THR A 58 3.95 -8.79 -6.45
N TYR A 59 3.78 -7.73 -5.66
CA TYR A 59 3.10 -7.82 -4.36
C TYR A 59 1.66 -8.28 -4.53
N MET A 60 0.86 -7.50 -5.25
CA MET A 60 -0.53 -7.87 -5.52
C MET A 60 -0.72 -9.34 -5.84
N LYS A 61 0.16 -9.88 -6.67
CA LYS A 61 0.10 -11.28 -7.13
C LYS A 61 0.16 -12.33 -6.01
N LYS A 62 0.79 -11.96 -4.89
CA LYS A 62 0.99 -12.88 -3.77
C LYS A 62 -0.31 -13.09 -3.00
N PHE A 63 -1.39 -12.47 -3.45
CA PHE A 63 -2.67 -12.50 -2.76
C PHE A 63 -3.75 -13.31 -3.47
N THR A 64 -3.53 -13.61 -4.75
CA THR A 64 -4.46 -14.45 -5.49
C THR A 64 -3.86 -15.00 -6.78
N LYS A 65 -4.56 -15.99 -7.35
CA LYS A 65 -4.20 -16.57 -8.64
C LYS A 65 -5.35 -16.37 -9.66
N ASN A 66 -6.43 -15.72 -9.24
CA ASN A 66 -7.63 -15.56 -10.04
C ASN A 66 -7.61 -14.50 -11.14
N TYR A 67 -6.79 -13.47 -11.01
CA TYR A 67 -6.91 -12.36 -11.95
C TYR A 67 -5.64 -12.12 -12.76
N GLU A 68 -5.83 -11.61 -13.97
CA GLU A 68 -4.71 -11.16 -14.76
C GLU A 68 -4.35 -9.74 -14.32
N PHE A 69 -3.07 -9.50 -14.05
CA PHE A 69 -2.64 -8.17 -13.63
C PHE A 69 -1.88 -7.49 -14.74
N ILE A 70 -2.23 -6.24 -15.04
CA ILE A 70 -1.46 -5.47 -16.00
C ILE A 70 -0.98 -4.18 -15.36
N GLU A 71 0.27 -3.82 -15.66
CA GLU A 71 0.92 -2.63 -15.10
C GLU A 71 0.16 -1.35 -15.44
N GLY A 72 0.03 -0.46 -14.47
CA GLY A 72 -0.72 0.78 -14.63
C GLY A 72 -0.03 1.79 -15.52
N GLY A 73 -0.76 2.82 -15.91
CA GLY A 73 -0.23 3.89 -16.70
C GLY A 73 -0.05 5.12 -15.85
N ASP A 74 0.21 6.26 -16.49
CA ASP A 74 0.41 7.52 -15.80
C ASP A 74 -0.91 8.09 -15.29
N THR A 75 -1.98 7.86 -16.07
CA THR A 75 -3.33 8.28 -15.68
C THR A 75 -4.28 7.09 -15.72
N ARG A 76 -5.50 7.34 -15.23
CA ARG A 76 -6.59 6.37 -15.24
C ARG A 76 -6.91 5.85 -16.65
N ALA A 77 -6.90 6.74 -17.64
CA ALA A 77 -7.24 6.33 -19.00
C ALA A 77 -6.09 5.52 -19.56
N GLU A 78 -4.88 6.01 -19.32
CA GLU A 78 -3.68 5.33 -19.75
C GLU A 78 -3.75 3.92 -19.22
N SER A 79 -4.01 3.77 -17.92
CA SER A 79 -4.19 2.45 -17.32
C SER A 79 -5.23 1.62 -18.04
N LEU A 80 -6.38 2.22 -18.30
CA LEU A 80 -7.53 1.54 -18.86
C LEU A 80 -7.29 1.06 -20.29
N LYS A 81 -6.65 1.90 -21.11
CA LYS A 81 -6.24 1.52 -22.47
C LYS A 81 -5.42 0.26 -22.41
N LYS A 82 -4.24 0.36 -21.80
CA LYS A 82 -3.40 -0.79 -21.51
C LYS A 82 -4.22 -2.03 -21.14
N ALA A 83 -5.16 -1.91 -20.22
CA ALA A 83 -5.93 -3.06 -19.75
C ALA A 83 -6.88 -3.65 -20.80
N LEU A 84 -7.54 -2.78 -21.57
CA LEU A 84 -8.48 -3.21 -22.62
C LEU A 84 -7.83 -4.11 -23.66
N GLU A 85 -6.53 -3.89 -23.93
CA GLU A 85 -5.77 -4.66 -24.91
C GLU A 85 -5.69 -6.16 -24.56
N LEU A 86 -6.20 -6.52 -23.39
CA LEU A 86 -6.23 -7.91 -22.90
C LEU A 86 -7.64 -8.45 -22.94
N ILE A 87 -8.56 -7.68 -23.52
CA ILE A 87 -9.99 -7.99 -23.46
C ILE A 87 -10.52 -8.33 -24.85
N ASP A 88 -11.14 -9.50 -25.00
CA ASP A 88 -11.78 -9.84 -26.29
C ASP A 88 -13.30 -9.99 -26.28
N SER A 89 -13.92 -10.10 -25.11
CA SER A 89 -15.38 -10.07 -25.01
C SER A 89 -16.01 -8.81 -25.65
N GLU A 90 -17.22 -8.97 -26.20
CA GLU A 90 -17.96 -7.85 -26.81
C GLU A 90 -18.12 -6.68 -25.82
N PHE A 91 -18.49 -7.00 -24.57
CA PHE A 91 -18.69 -6.02 -23.48
C PHE A 91 -17.59 -6.03 -22.40
N VAL A 92 -17.47 -4.91 -21.69
CA VAL A 92 -16.54 -4.78 -20.56
C VAL A 92 -17.14 -3.92 -19.45
N MET A 93 -16.89 -4.32 -18.21
CA MET A 93 -17.32 -3.52 -17.08
C MET A 93 -16.08 -3.04 -16.39
N VAL A 94 -15.98 -1.74 -16.29
CA VAL A 94 -14.82 -1.12 -15.69
C VAL A 94 -15.28 -0.56 -14.38
N SER A 95 -14.43 -0.64 -13.35
CA SER A 95 -14.74 0.02 -12.08
C SER A 95 -13.49 0.42 -11.28
N ASP A 96 -13.61 1.50 -10.51
CA ASP A 96 -12.60 1.91 -9.53
C ASP A 96 -12.60 1.00 -8.32
N VAL A 97 -11.41 0.58 -7.90
CA VAL A 97 -11.33 -0.19 -6.66
C VAL A 97 -11.80 0.70 -5.49
N ALA A 98 -11.33 1.94 -5.45
CA ALA A 98 -11.77 2.93 -4.47
C ALA A 98 -13.28 2.93 -4.20
N ARG A 99 -14.08 2.45 -5.16
CA ARG A 99 -15.52 2.29 -4.98
C ARG A 99 -15.85 0.88 -4.48
N VAL A 100 -15.77 0.71 -3.17
CA VAL A 100 -15.63 -0.62 -2.62
C VAL A 100 -16.93 -1.39 -2.55
N LEU A 101 -17.96 -0.77 -1.96
CA LEU A 101 -19.17 -1.48 -1.56
C LEU A 101 -20.31 -1.46 -2.57
N VAL A 102 -19.98 -1.64 -3.84
CA VAL A 102 -20.97 -1.59 -4.90
C VAL A 102 -21.91 -2.76 -4.72
N SER A 103 -23.20 -2.44 -4.56
CA SER A 103 -24.25 -3.41 -4.25
C SER A 103 -24.70 -4.23 -5.45
N LYS A 104 -25.16 -5.46 -5.20
CA LYS A 104 -25.65 -6.33 -6.27
C LYS A 104 -26.83 -5.67 -7.01
N ASN A 105 -27.72 -5.10 -6.21
CA ASN A 105 -28.85 -4.28 -6.69
C ASN A 105 -28.48 -3.41 -7.88
N LEU A 106 -27.49 -2.53 -7.69
CA LEU A 106 -27.05 -1.58 -8.71
C LEU A 106 -26.47 -2.26 -9.94
N PHE A 107 -25.78 -3.38 -9.72
CA PHE A 107 -25.24 -4.14 -10.81
C PHE A 107 -26.37 -4.64 -11.71
N ASP A 108 -27.45 -5.10 -11.10
CA ASP A 108 -28.61 -5.64 -11.81
C ASP A 108 -29.28 -4.57 -12.67
N ARG A 109 -29.30 -3.35 -12.15
CA ARG A 109 -29.76 -2.17 -12.86
C ARG A 109 -28.90 -1.83 -14.07
N LEU A 110 -27.60 -2.05 -13.96
CA LEU A 110 -26.70 -1.77 -15.08
C LEU A 110 -26.95 -2.76 -16.21
N ILE A 111 -26.97 -4.03 -15.84
CA ILE A 111 -27.01 -5.11 -16.80
C ILE A 111 -28.39 -5.30 -17.41
N GLU A 112 -29.44 -4.89 -16.68
CA GLU A 112 -30.80 -4.94 -17.21
C GLU A 112 -31.09 -3.84 -18.25
N ASN A 113 -30.10 -2.98 -18.49
CA ASN A 113 -30.21 -1.92 -19.49
C ASN A 113 -29.09 -2.03 -20.49
N LEU A 114 -28.57 -3.24 -20.63
CA LEU A 114 -27.35 -3.50 -21.41
C LEU A 114 -27.43 -3.11 -22.88
N ASP A 115 -28.64 -3.01 -23.43
CA ASP A 115 -28.79 -2.82 -24.87
C ASP A 115 -29.20 -1.42 -25.30
N LYS A 116 -29.78 -0.65 -24.37
CA LYS A 116 -30.29 0.69 -24.65
C LYS A 116 -29.29 1.72 -25.25
N ALA A 117 -28.00 1.60 -24.94
CA ALA A 117 -26.96 2.50 -25.47
C ALA A 117 -25.55 1.89 -25.51
N ASP A 118 -24.53 2.75 -25.64
CA ASP A 118 -23.14 2.31 -25.88
C ASP A 118 -22.28 2.15 -24.63
N CYS A 119 -22.63 2.92 -23.60
CA CYS A 119 -21.99 2.82 -22.30
C CYS A 119 -23.11 3.07 -21.31
N ILE A 120 -23.14 2.31 -20.22
CA ILE A 120 -24.19 2.37 -19.20
C ILE A 120 -23.55 2.79 -17.90
N THR A 121 -24.15 3.75 -17.20
CA THR A 121 -23.50 4.34 -16.04
C THR A 121 -24.44 4.74 -14.90
N PRO A 122 -24.03 4.46 -13.66
CA PRO A 122 -24.68 5.03 -12.49
C PRO A 122 -24.47 6.54 -12.44
N ALA A 123 -25.50 7.28 -12.04
CA ALA A 123 -25.40 8.71 -11.80
C ALA A 123 -26.33 9.13 -10.67
N LEU A 124 -25.98 10.21 -9.98
CA LEU A 124 -26.85 10.80 -8.95
C LEU A 124 -27.08 12.27 -9.20
N LYS A 125 -28.27 12.74 -8.86
CA LYS A 125 -28.62 14.16 -8.98
C LYS A 125 -28.04 14.96 -7.81
N VAL A 126 -28.14 16.28 -7.86
CA VAL A 126 -27.61 17.11 -6.79
C VAL A 126 -28.69 18.11 -6.37
N ALA A 127 -28.99 18.16 -5.08
CA ALA A 127 -30.04 19.05 -4.61
C ALA A 127 -29.51 20.32 -3.96
N ASP A 128 -28.20 20.36 -3.69
CA ASP A 128 -27.56 21.53 -3.07
C ASP A 128 -27.24 22.59 -4.10
N THR A 129 -27.18 23.84 -3.64
CA THR A 129 -26.54 24.90 -4.40
C THR A 129 -25.17 24.40 -4.79
N THR A 130 -24.86 24.49 -6.08
CA THR A 130 -23.55 24.06 -6.55
C THR A 130 -22.77 25.28 -7.00
N LEU A 131 -21.52 25.39 -6.57
CA LEU A 131 -20.68 26.44 -7.07
C LEU A 131 -19.53 25.87 -7.88
N PHE A 132 -19.51 26.20 -9.16
CA PHE A 132 -18.30 26.10 -9.98
C PHE A 132 -17.44 27.36 -9.89
N ASP A 133 -16.36 27.26 -9.12
CA ASP A 133 -15.44 28.39 -8.85
C ASP A 133 -16.10 29.57 -8.14
N ASN A 134 -16.61 29.31 -6.94
CA ASN A 134 -17.33 30.32 -6.15
C ASN A 134 -18.51 30.99 -6.90
N GLU A 135 -18.90 30.41 -8.05
CA GLU A 135 -19.95 30.97 -8.92
C GLU A 135 -21.11 29.99 -9.09
N ALA A 136 -22.33 30.43 -8.81
CA ALA A 136 -23.48 29.53 -8.82
C ALA A 136 -23.75 28.85 -10.17
N LEU A 137 -24.25 27.62 -10.10
CA LEU A 137 -24.53 26.80 -11.27
C LEU A 137 -25.91 26.22 -11.10
N GLN A 138 -26.62 26.02 -12.20
CA GLN A 138 -27.99 25.52 -12.12
C GLN A 138 -27.94 24.05 -11.67
N ARG A 139 -28.16 23.85 -10.38
CA ARG A 139 -28.02 22.51 -9.79
C ARG A 139 -28.74 21.35 -10.53
N GLU A 140 -29.90 21.61 -11.16
CA GLU A 140 -30.69 20.53 -11.80
C GLU A 140 -29.99 19.92 -13.00
N LYS A 141 -29.09 20.68 -13.61
CA LYS A 141 -28.35 20.23 -14.76
C LYS A 141 -27.09 19.39 -14.41
N ILE A 142 -26.85 19.13 -13.13
CA ILE A 142 -25.64 18.42 -12.72
C ILE A 142 -25.85 16.92 -12.53
N LYS A 143 -24.81 16.17 -12.91
CA LYS A 143 -24.77 14.73 -12.69
C LYS A 143 -23.45 14.32 -12.05
N LEU A 144 -23.55 13.56 -10.95
CA LEU A 144 -22.38 12.99 -10.33
C LEU A 144 -22.29 11.58 -10.89
N ILE A 145 -21.17 11.26 -11.54
CA ILE A 145 -21.05 10.00 -12.28
C ILE A 145 -20.26 8.96 -11.49
N GLN A 146 -20.84 7.78 -11.37
CA GLN A 146 -20.21 6.70 -10.64
C GLN A 146 -19.76 5.57 -11.54
N THR A 147 -19.78 4.36 -10.96
CA THR A 147 -19.05 3.20 -11.45
C THR A 147 -19.62 2.02 -10.65
N PRO A 148 -19.64 0.80 -11.18
CA PRO A 148 -19.10 0.43 -12.51
C PRO A 148 -19.74 1.15 -13.68
N GLN A 149 -19.16 0.96 -14.85
CA GLN A 149 -19.77 1.34 -16.13
C GLN A 149 -19.59 0.22 -17.13
N ILE A 150 -20.67 -0.16 -17.80
CA ILE A 150 -20.56 -1.18 -18.84
C ILE A 150 -20.49 -0.50 -20.19
N SER A 151 -19.56 -0.99 -21.00
CA SER A 151 -19.26 -0.33 -22.24
C SER A 151 -19.01 -1.42 -23.27
N LYS A 152 -19.25 -1.09 -24.54
CA LYS A 152 -18.94 -2.00 -25.62
C LYS A 152 -17.45 -1.89 -25.88
N THR A 153 -16.72 -2.95 -25.57
CA THR A 153 -15.24 -3.03 -25.71
C THR A 153 -14.65 -2.24 -26.90
N LYS A 154 -15.18 -2.55 -28.09
CA LYS A 154 -14.67 -2.07 -29.39
C LYS A 154 -14.67 -0.56 -29.41
N LEU A 155 -15.75 0.01 -28.90
CA LEU A 155 -15.91 1.45 -28.87
C LEU A 155 -15.04 2.10 -27.81
N LEU A 156 -14.88 1.44 -26.65
CA LEU A 156 -14.05 1.99 -25.58
C LEU A 156 -12.57 2.01 -25.97
N LYS A 157 -12.11 0.94 -26.63
CA LYS A 157 -10.74 0.85 -27.14
C LYS A 157 -10.45 2.01 -28.08
N LYS A 158 -11.39 2.22 -29.00
CA LYS A 158 -11.31 3.29 -29.99
C LYS A 158 -11.45 4.66 -29.33
N ALA A 159 -12.35 4.75 -28.35
CA ALA A 159 -12.58 6.00 -27.63
C ALA A 159 -11.32 6.54 -26.94
N LEU A 160 -10.37 5.64 -26.68
CA LEU A 160 -9.10 5.99 -26.03
C LEU A 160 -7.88 5.84 -26.94
N ASP A 161 -8.10 5.82 -28.26
CA ASP A 161 -6.97 5.72 -29.18
C ASP A 161 -6.04 6.91 -29.06
N GLN A 162 -6.58 8.12 -29.13
CA GLN A 162 -5.77 9.33 -29.00
C GLN A 162 -5.83 9.88 -27.59
N ASN A 163 -6.96 10.50 -27.26
CA ASN A 163 -7.10 11.28 -26.03
C ASN A 163 -7.10 10.40 -24.78
N LEU A 164 -6.36 10.80 -23.76
CA LEU A 164 -6.24 10.00 -22.54
C LEU A 164 -6.51 10.81 -21.30
N GLU A 165 -7.22 11.92 -21.46
CA GLU A 165 -7.51 12.84 -20.35
C GLU A 165 -8.84 12.56 -19.67
N PHE A 166 -9.65 11.67 -20.27
CA PHE A 166 -11.01 11.37 -19.80
C PHE A 166 -11.00 10.81 -18.39
N THR A 167 -11.92 11.28 -17.54
CA THR A 167 -12.00 10.79 -16.15
C THR A 167 -12.81 9.51 -15.95
N ASP A 168 -13.79 9.25 -16.82
CA ASP A 168 -14.62 8.05 -16.76
C ASP A 168 -14.92 7.52 -18.18
N ASP A 169 -15.38 6.28 -18.25
CA ASP A 169 -15.78 5.66 -19.54
C ASP A 169 -16.86 6.45 -20.29
N SER A 170 -17.83 7.00 -19.56
CA SER A 170 -18.96 7.65 -20.23
C SER A 170 -18.57 8.83 -21.11
N THR A 171 -17.81 9.77 -20.57
CA THR A 171 -17.38 10.95 -21.32
C THR A 171 -16.50 10.57 -22.50
N ALA A 172 -15.73 9.49 -22.34
CA ALA A 172 -14.90 8.97 -23.41
C ALA A 172 -15.75 8.45 -24.57
N ILE A 173 -16.69 7.56 -24.27
CA ILE A 173 -17.61 7.04 -25.28
C ILE A 173 -18.41 8.20 -25.90
N ALA A 174 -18.85 9.13 -25.07
CA ALA A 174 -19.66 10.28 -25.48
C ALA A 174 -18.94 11.21 -26.46
N ALA A 175 -17.68 11.50 -26.15
CA ALA A 175 -16.87 12.43 -26.93
C ALA A 175 -16.49 11.85 -28.27
N MET A 176 -16.91 10.61 -28.52
CA MET A 176 -16.71 9.99 -29.83
C MET A 176 -18.02 9.72 -30.57
N GLY A 177 -19.08 10.42 -30.17
CA GLY A 177 -20.39 10.26 -30.79
C GLY A 177 -21.30 9.19 -30.20
N GLY A 178 -20.73 8.21 -29.49
CA GLY A 178 -21.50 7.15 -28.87
C GLY A 178 -22.61 7.63 -27.93
N LYS A 179 -23.56 6.76 -27.65
CA LYS A 179 -24.71 7.12 -26.82
C LYS A 179 -24.58 6.58 -25.40
N ILE A 180 -24.97 7.40 -24.43
CA ILE A 180 -24.81 7.08 -23.01
C ILE A 180 -26.15 6.89 -22.32
N TRP A 181 -26.23 5.86 -21.48
CA TRP A 181 -27.43 5.55 -20.69
C TRP A 181 -27.15 5.69 -19.18
N PHE A 182 -27.92 6.57 -18.52
CA PHE A 182 -27.73 6.90 -17.10
C PHE A 182 -28.70 6.17 -16.23
N VAL A 183 -28.19 5.21 -15.49
CA VAL A 183 -28.95 4.48 -14.48
C VAL A 183 -28.72 5.16 -13.14
N GLU A 184 -29.73 5.18 -12.29
CA GLU A 184 -29.58 5.78 -10.97
C GLU A 184 -28.51 5.07 -10.14
N GLY A 185 -27.58 5.85 -9.60
CA GLY A 185 -26.52 5.32 -8.75
C GLY A 185 -26.93 5.19 -7.30
N GLU A 186 -25.96 5.06 -6.41
CA GLU A 186 -26.25 4.81 -5.00
C GLU A 186 -25.15 5.36 -4.11
N GLU A 187 -25.43 5.48 -2.82
CA GLU A 187 -24.45 5.98 -1.87
C GLU A 187 -23.32 4.99 -1.61
N ASN A 188 -23.62 3.69 -1.69
CA ASN A 188 -22.61 2.61 -1.58
C ASN A 188 -21.52 2.58 -2.67
N ALA A 189 -21.78 3.28 -3.78
CA ALA A 189 -20.86 3.30 -4.90
C ALA A 189 -19.96 4.49 -4.80
N ARG A 190 -19.95 5.15 -3.65
CA ARG A 190 -19.12 6.33 -3.42
C ARG A 190 -17.66 5.96 -3.65
N LYS A 191 -16.83 6.93 -4.02
CA LYS A 191 -15.41 6.68 -4.29
C LYS A 191 -14.58 7.12 -3.11
N LEU A 192 -13.87 6.19 -2.50
CA LEU A 192 -13.04 6.48 -1.33
C LEU A 192 -11.85 7.34 -1.74
N THR A 193 -11.96 8.65 -1.54
CA THR A 193 -10.92 9.56 -2.02
C THR A 193 -10.26 10.37 -0.92
N PHE A 194 -10.99 10.70 0.13
CA PHE A 194 -10.46 11.50 1.23
C PHE A 194 -10.50 10.74 2.54
N LYS A 195 -9.54 11.06 3.43
CA LYS A 195 -9.55 10.57 4.79
C LYS A 195 -11.01 10.52 5.30
N GLU A 196 -11.69 11.65 5.17
CA GLU A 196 -13.05 11.84 5.69
C GLU A 196 -14.08 10.84 5.15
N ASP A 197 -13.83 10.32 3.94
CA ASP A 197 -14.75 9.37 3.31
C ASP A 197 -14.92 8.06 4.06
N LEU A 198 -13.86 7.63 4.73
CA LEU A 198 -13.86 6.34 5.43
C LEU A 198 -15.05 6.22 6.39
N LYS A 199 -15.29 7.25 7.18
CA LYS A 199 -16.36 7.20 8.16
C LYS A 199 -17.75 7.35 7.50
N LYS A 200 -17.75 7.65 6.20
CA LYS A 200 -19.00 7.82 5.43
C LYS A 200 -19.42 6.54 4.73
N LEU A 201 -18.59 5.49 4.84
CA LEU A 201 -18.87 4.18 4.23
C LEU A 201 -18.96 3.08 5.27
N ASP A 202 -19.90 2.16 5.10
CA ASP A 202 -20.03 1.03 6.02
C ASP A 202 -18.93 -0.04 5.81
N LEU A 203 -17.67 0.37 5.77
CA LEU A 203 -16.55 -0.53 5.48
C LEU A 203 -16.24 -1.53 6.62
N PRO A 204 -16.10 -2.81 6.32
CA PRO A 204 -15.67 -3.79 7.32
C PRO A 204 -14.35 -3.40 7.97
N THR A 205 -14.30 -3.31 9.31
CA THR A 205 -13.05 -2.99 10.01
C THR A 205 -12.03 -4.11 9.83
N PRO A 206 -10.73 -3.79 9.91
CA PRO A 206 -9.69 -4.75 9.56
C PRO A 206 -9.64 -5.90 10.51
N SER A 207 -9.18 -7.04 10.01
CA SER A 207 -9.02 -8.28 10.77
C SER A 207 -8.01 -8.11 11.90
N PHE A 208 -8.10 -8.99 12.88
CA PHE A 208 -7.31 -8.81 14.10
C PHE A 208 -6.04 -9.62 14.06
N GLU A 209 -5.58 -10.03 12.88
CA GLU A 209 -4.38 -10.85 12.79
C GLU A 209 -3.13 -10.05 13.07
N ILE A 210 -2.20 -10.66 13.79
CA ILE A 210 -0.94 -10.02 14.12
C ILE A 210 0.15 -10.81 13.41
N PHE A 211 1.16 -10.10 12.92
CA PHE A 211 2.23 -10.69 12.13
C PHE A 211 3.55 -10.62 12.82
N THR A 212 4.32 -11.70 12.80
CA THR A 212 5.58 -11.69 13.52
C THR A 212 6.73 -11.57 12.59
N GLY A 213 7.81 -11.00 13.09
CA GLY A 213 9.03 -10.86 12.33
C GLY A 213 10.26 -11.04 13.20
N ASN A 214 11.28 -11.69 12.62
CA ASN A 214 12.58 -11.82 13.29
C ASN A 214 13.68 -11.16 12.47
N GLY A 215 14.78 -10.79 13.12
CA GLY A 215 15.88 -10.12 12.46
C GLY A 215 17.22 -10.46 13.09
N PHE A 216 18.17 -10.92 12.28
CA PHE A 216 19.48 -11.24 12.79
C PHE A 216 20.57 -10.64 11.94
N ASP A 217 21.51 -9.97 12.59
CA ASP A 217 22.63 -9.33 11.93
C ASP A 217 23.92 -9.32 12.76
N VAL A 218 25.03 -9.52 12.06
CA VAL A 218 26.35 -9.66 12.67
C VAL A 218 27.28 -8.64 12.05
N HIS A 219 28.17 -8.10 12.88
CA HIS A 219 29.19 -7.19 12.40
C HIS A 219 30.49 -7.44 13.13
N GLU A 220 31.59 -7.28 12.39
CA GLU A 220 32.95 -7.52 12.89
C GLU A 220 33.41 -6.28 13.63
N PHE A 221 34.17 -6.50 14.68
CA PHE A 221 34.71 -5.44 15.49
C PHE A 221 36.03 -4.93 14.89
N GLY A 222 36.65 -3.97 15.58
CA GLY A 222 37.94 -3.43 15.16
C GLY A 222 37.88 -2.47 13.99
N GLU A 223 37.15 -1.37 14.17
CA GLU A 223 37.15 -0.25 13.23
C GLU A 223 37.23 1.06 14.01
N ASN A 224 38.29 1.84 13.75
CA ASN A 224 38.56 3.03 14.54
C ASN A 224 37.64 4.24 14.28
N ARG A 225 36.44 4.18 14.84
CA ARG A 225 35.39 5.19 14.69
C ARG A 225 34.44 4.94 15.86
N PRO A 226 33.36 5.73 16.00
CA PRO A 226 32.40 5.47 17.09
C PRO A 226 31.45 4.28 16.82
N LEU A 227 31.03 3.64 17.91
CA LEU A 227 30.07 2.55 17.88
C LEU A 227 28.65 3.11 18.01
N LEU A 228 27.86 2.99 16.94
CA LEU A 228 26.48 3.50 16.91
C LEU A 228 25.49 2.36 16.98
N LEU A 229 24.60 2.41 17.96
CA LEU A 229 23.56 1.40 18.05
C LEU A 229 22.22 2.08 18.25
N ALA A 230 21.27 1.77 17.37
CA ALA A 230 20.03 2.52 17.28
C ALA A 230 20.36 4.00 17.15
N GLY A 231 21.48 4.29 16.51
CA GLY A 231 21.93 5.65 16.34
C GLY A 231 22.15 6.39 17.64
N VAL A 232 22.57 5.68 18.68
CA VAL A 232 23.09 6.34 19.86
C VAL A 232 24.55 5.97 19.96
N GLN A 233 25.39 6.97 20.22
CA GLN A 233 26.83 6.74 20.30
C GLN A 233 27.22 6.11 21.64
N ILE A 234 27.83 4.93 21.56
CA ILE A 234 27.97 4.04 22.70
C ILE A 234 29.35 4.21 23.31
N HIS A 235 30.31 4.43 22.43
CA HIS A 235 31.75 4.39 22.70
C HIS A 235 32.46 5.07 21.52
N PRO A 236 33.43 5.95 21.79
CA PRO A 236 34.02 6.78 20.72
C PRO A 236 34.91 6.04 19.72
N THR A 237 35.46 4.86 20.05
CA THR A 237 36.43 4.21 19.17
C THR A 237 36.18 2.74 18.83
N MET A 238 35.36 2.06 19.63
CA MET A 238 35.15 0.63 19.49
C MET A 238 34.20 0.30 18.37
N GLY A 239 34.53 0.77 17.18
CA GLY A 239 33.62 0.79 16.05
C GLY A 239 33.50 -0.55 15.38
N LEU A 240 32.43 -0.69 14.61
CA LEU A 240 32.21 -1.89 13.83
C LEU A 240 32.57 -1.71 12.36
N LYS A 241 33.15 -2.77 11.81
CA LYS A 241 33.64 -2.82 10.45
C LYS A 241 32.48 -2.92 9.45
N ALA A 242 31.68 -1.88 9.30
CA ALA A 242 30.53 -2.03 8.41
C ALA A 242 30.66 -1.36 7.05
N HIS A 243 29.56 -1.37 6.35
CA HIS A 243 29.47 -0.97 4.96
C HIS A 243 28.82 0.40 4.95
N SER A 244 28.18 0.70 6.09
CA SER A 244 27.52 1.95 6.38
C SER A 244 28.09 2.44 7.70
N ASP A 245 27.28 3.16 8.48
CA ASP A 245 27.72 3.68 9.76
C ASP A 245 27.83 2.58 10.84
N GLY A 246 27.36 1.37 10.50
CA GLY A 246 27.71 0.17 11.25
C GLY A 246 26.74 -0.27 12.32
N ASP A 247 25.59 0.41 12.37
CA ASP A 247 24.52 0.15 13.32
C ASP A 247 23.91 -1.25 13.18
N VAL A 248 24.49 -2.23 13.88
CA VAL A 248 23.94 -3.59 13.89
C VAL A 248 22.54 -3.65 14.45
N LEU A 249 22.26 -2.86 15.47
CA LEU A 249 20.93 -2.87 15.99
C LEU A 249 19.99 -2.50 14.87
N ALA A 250 20.22 -1.36 14.26
CA ALA A 250 19.26 -0.80 13.34
C ALA A 250 19.02 -1.71 12.14
N HIS A 251 20.05 -2.43 11.68
CA HIS A 251 19.84 -3.33 10.56
C HIS A 251 19.11 -4.56 11.01
N SER A 252 19.33 -4.95 12.25
CA SER A 252 18.69 -6.20 12.72
C SER A 252 17.20 -5.93 12.77
N LEU A 253 16.86 -4.78 13.35
CA LEU A 253 15.48 -4.36 13.50
C LEU A 253 14.82 -4.16 12.14
N THR A 254 15.52 -3.52 11.20
CA THR A 254 15.03 -3.32 9.84
C THR A 254 14.57 -4.65 9.23
N ASP A 255 15.43 -5.65 9.28
CA ASP A 255 15.10 -6.98 8.79
C ASP A 255 13.79 -7.44 9.46
N ALA A 256 13.71 -7.34 10.77
CA ALA A 256 12.55 -7.86 11.46
C ALA A 256 11.27 -7.17 10.99
N ILE A 257 11.30 -5.85 10.91
CA ILE A 257 10.16 -5.08 10.39
C ILE A 257 9.81 -5.50 8.93
N LEU A 258 10.82 -5.70 8.09
CA LEU A 258 10.57 -6.13 6.71
C LEU A 258 10.00 -7.55 6.63
N GLY A 259 10.66 -8.48 7.31
CA GLY A 259 10.27 -9.87 7.32
C GLY A 259 8.83 -10.10 7.79
N ALA A 260 8.39 -9.28 8.75
CA ALA A 260 7.01 -9.36 9.23
C ALA A 260 6.02 -8.94 8.16
N ALA A 261 6.46 -8.10 7.23
CA ALA A 261 5.58 -7.57 6.19
C ALA A 261 5.75 -8.31 4.90
N GLY A 262 6.59 -9.33 4.91
CA GLY A 262 6.86 -10.14 3.73
C GLY A 262 7.42 -9.23 2.68
N LEU A 263 8.29 -8.32 3.09
CA LEU A 263 8.98 -7.42 2.16
C LEU A 263 10.48 -7.76 2.04
N GLY A 264 10.82 -9.04 2.20
CA GLY A 264 12.18 -9.52 2.00
C GLY A 264 13.08 -9.22 3.19
N ASP A 265 14.33 -8.87 2.90
CA ASP A 265 15.28 -8.49 3.94
C ASP A 265 16.00 -7.21 3.57
N ILE A 266 16.94 -6.77 4.40
CA ILE A 266 17.53 -5.46 4.25
C ILE A 266 18.32 -5.33 2.96
N GLY A 267 19.01 -6.40 2.57
CA GLY A 267 19.83 -6.40 1.38
C GLY A 267 19.04 -6.32 0.08
N GLU A 268 17.77 -6.70 0.12
CA GLU A 268 16.94 -6.59 -1.08
C GLU A 268 16.62 -5.13 -1.34
N LEU A 269 16.66 -4.31 -0.28
CA LEU A 269 16.46 -2.86 -0.39
C LEU A 269 17.78 -2.11 -0.56
N TYR A 270 18.69 -2.33 0.38
CA TYR A 270 19.87 -1.50 0.53
C TYR A 270 21.13 -2.37 0.46
N PRO A 271 21.54 -2.78 -0.76
CA PRO A 271 22.62 -3.75 -0.95
C PRO A 271 24.01 -3.18 -0.75
N ASP A 272 24.95 -4.02 -0.30
CA ASP A 272 26.35 -3.64 -0.09
C ASP A 272 27.13 -3.34 -1.37
N THR A 273 26.56 -3.71 -2.54
CA THR A 273 27.22 -3.52 -3.82
C THR A 273 27.22 -2.03 -4.21
N ASP A 274 26.03 -1.47 -4.41
CA ASP A 274 25.87 -0.02 -4.62
C ASP A 274 26.15 0.64 -3.29
N MET A 275 27.04 1.64 -3.27
CA MET A 275 27.26 2.41 -2.03
C MET A 275 27.19 3.96 -2.21
N LYS A 276 25.99 4.40 -2.59
CA LYS A 276 25.46 5.69 -2.16
C LYS A 276 25.05 5.44 -0.69
N PHE A 277 25.10 4.16 -0.32
CA PHE A 277 24.97 3.70 1.05
C PHE A 277 26.31 3.63 1.78
N LYS A 278 27.38 4.16 1.18
CA LYS A 278 28.67 4.23 1.89
C LYS A 278 28.55 5.09 3.15
N ASN A 279 28.08 6.31 2.97
CA ASN A 279 27.70 7.19 4.08
C ASN A 279 26.83 6.40 5.07
N ALA A 280 25.60 6.18 4.62
CA ALA A 280 24.47 5.53 5.30
C ALA A 280 24.26 5.74 6.82
N ASN A 281 23.31 6.61 7.13
CA ASN A 281 22.76 6.68 8.46
C ASN A 281 21.69 5.61 8.55
N SER A 282 22.03 4.48 9.16
CA SER A 282 21.16 3.31 9.25
C SER A 282 19.77 3.57 9.84
N MET A 283 19.69 4.49 10.79
CA MET A 283 18.40 4.79 11.39
C MET A 283 17.45 5.38 10.35
N GLU A 284 17.99 6.15 9.42
CA GLU A 284 17.18 6.74 8.35
C GLU A 284 16.74 5.63 7.39
N LEU A 285 17.66 4.74 7.03
CA LEU A 285 17.32 3.54 6.27
C LEU A 285 16.24 2.70 6.94
N LEU A 286 16.26 2.66 8.27
CA LEU A 286 15.24 1.96 9.04
C LEU A 286 13.90 2.64 8.90
N LYS A 287 13.86 3.95 9.09
CA LYS A 287 12.66 4.76 8.87
C LYS A 287 12.06 4.44 7.53
N GLN A 288 12.89 4.46 6.49
CA GLN A 288 12.44 4.25 5.14
C GLN A 288 11.87 2.84 4.94
N ALA A 289 12.45 1.88 5.65
CA ALA A 289 11.99 0.50 5.62
C ALA A 289 10.58 0.48 6.18
N TYR A 290 10.39 1.14 7.31
CA TYR A 290 9.08 1.16 7.96
C TYR A 290 8.05 1.87 7.11
N ASP A 291 8.50 2.89 6.38
CA ASP A 291 7.64 3.65 5.49
C ASP A 291 7.06 2.77 4.40
N LYS A 292 7.81 1.73 4.01
CA LYS A 292 7.30 0.75 3.05
C LYS A 292 6.23 -0.13 3.70
N VAL A 293 6.48 -0.54 4.93
CA VAL A 293 5.61 -1.43 5.65
C VAL A 293 4.30 -0.69 5.91
N ARG A 294 4.41 0.61 6.13
CA ARG A 294 3.25 1.43 6.40
C ARG A 294 2.38 1.58 5.16
N GLU A 295 3.02 1.72 4.01
CA GLU A 295 2.35 1.85 2.69
C GLU A 295 1.41 0.69 2.35
N ILE A 296 1.72 -0.50 2.85
CA ILE A 296 0.94 -1.70 2.56
C ILE A 296 -0.03 -2.10 3.70
N GLY A 297 -0.28 -1.15 4.60
CA GLY A 297 -1.33 -1.27 5.57
C GLY A 297 -0.93 -1.85 6.92
N PHE A 298 0.35 -1.81 7.29
CA PHE A 298 0.79 -2.38 8.56
C PHE A 298 1.22 -1.30 9.57
N GLU A 299 1.25 -1.68 10.85
CA GLU A 299 1.55 -0.79 11.94
C GLU A 299 2.22 -1.63 13.02
N LEU A 300 3.34 -1.14 13.58
CA LEU A 300 4.06 -1.84 14.65
C LEU A 300 3.27 -1.88 15.96
N ILE A 301 3.14 -3.06 16.55
CA ILE A 301 2.67 -3.14 17.92
C ILE A 301 3.84 -2.92 18.86
N ASN A 302 4.86 -3.79 18.79
CA ASN A 302 6.01 -3.64 19.67
C ASN A 302 7.31 -4.17 19.08
N ILE A 303 8.42 -3.73 19.68
CA ILE A 303 9.76 -4.14 19.29
C ILE A 303 10.46 -4.70 20.51
N ASP A 304 11.03 -5.88 20.35
CA ASP A 304 11.95 -6.41 21.34
C ASP A 304 13.26 -6.85 20.72
N ILE A 305 14.35 -6.31 21.27
CA ILE A 305 15.66 -6.41 20.67
C ILE A 305 16.57 -7.07 21.68
N CYS A 306 17.47 -7.94 21.23
CA CYS A 306 18.43 -8.49 22.14
C CYS A 306 19.82 -8.35 21.57
N VAL A 307 20.64 -7.52 22.21
CA VAL A 307 21.97 -7.18 21.71
C VAL A 307 23.00 -8.15 22.26
N MET A 308 23.48 -9.09 21.43
CA MET A 308 24.56 -10.00 21.84
C MET A 308 25.95 -9.38 21.63
N ALA A 309 26.60 -9.02 22.72
CA ALA A 309 27.89 -8.36 22.69
C ALA A 309 28.60 -8.57 24.03
N GLN A 310 29.84 -9.04 23.99
CA GLN A 310 30.63 -9.25 25.19
C GLN A 310 31.02 -7.93 25.84
N SER A 311 31.15 -6.89 25.01
CA SER A 311 31.45 -5.51 25.45
C SER A 311 31.06 -4.58 24.30
N PRO A 312 30.82 -3.29 24.57
CA PRO A 312 30.81 -2.70 25.90
C PRO A 312 29.49 -2.90 26.66
N LYS A 313 29.48 -2.54 27.95
CA LYS A 313 28.29 -2.67 28.81
C LYS A 313 27.27 -1.63 28.36
N LEU A 314 26.16 -2.10 27.79
CA LEU A 314 25.19 -1.19 27.17
C LEU A 314 24.14 -0.66 28.13
N LYS A 315 24.28 -1.01 29.40
CA LYS A 315 23.32 -0.68 30.47
C LYS A 315 22.90 0.78 30.45
N ASP A 316 23.90 1.66 30.54
CA ASP A 316 23.66 3.09 30.65
C ASP A 316 22.96 3.71 29.41
N PHE A 317 23.00 3.00 28.28
CA PHE A 317 22.54 3.54 27.01
C PHE A 317 21.18 2.96 26.54
N LYS A 318 20.60 2.07 27.32
CA LYS A 318 19.40 1.36 26.87
C LYS A 318 18.14 2.23 26.81
N GLN A 319 17.95 3.15 27.75
CA GLN A 319 16.82 4.13 27.64
C GLN A 319 17.06 5.07 26.45
N ALA A 320 18.32 5.37 26.17
CA ALA A 320 18.63 6.25 25.06
C ALA A 320 18.40 5.59 23.69
N MET A 321 18.63 4.28 23.60
CA MET A 321 18.39 3.52 22.38
C MET A 321 16.89 3.39 22.15
N GLN A 322 16.17 2.88 23.15
CA GLN A 322 14.71 2.80 23.06
C GLN A 322 14.10 4.12 22.66
N SER A 323 14.49 5.19 23.36
CA SER A 323 14.07 6.57 23.04
C SER A 323 14.34 6.99 21.59
N ASN A 324 15.51 6.68 21.06
CA ASN A 324 15.79 7.07 19.69
C ASN A 324 15.00 6.30 18.63
N ILE A 325 14.80 5.00 18.86
CA ILE A 325 13.95 4.17 17.98
C ILE A 325 12.53 4.76 17.96
N ALA A 326 11.93 4.89 19.13
CA ALA A 326 10.64 5.54 19.29
C ALA A 326 10.51 6.80 18.42
N HIS A 327 11.56 7.62 18.40
CA HIS A 327 11.52 8.89 17.70
C HIS A 327 11.59 8.64 16.21
N THR A 328 12.56 7.85 15.78
CA THR A 328 12.75 7.52 14.38
C THR A 328 11.48 6.89 13.75
N LEU A 329 10.89 5.90 14.42
CA LEU A 329 9.83 5.08 13.85
C LEU A 329 8.48 5.67 14.18
N ASP A 330 8.52 6.74 14.99
CA ASP A 330 7.33 7.49 15.39
C ASP A 330 6.27 6.66 16.17
N LEU A 331 6.73 6.01 17.25
CA LEU A 331 5.86 5.26 18.13
C LEU A 331 6.07 5.66 19.57
N ASP A 332 5.06 5.43 20.41
CA ASP A 332 5.19 5.62 21.85
C ASP A 332 6.37 4.82 22.37
N GLU A 333 7.05 5.36 23.37
CA GLU A 333 8.28 4.83 23.91
C GLU A 333 8.14 3.46 24.51
N PHE A 334 6.93 3.14 25.01
CA PHE A 334 6.70 1.91 25.75
C PHE A 334 6.74 0.64 24.91
N ARG A 335 6.63 0.79 23.59
CA ARG A 335 6.62 -0.31 22.65
C ARG A 335 8.01 -0.82 22.28
N ILE A 336 9.05 -0.17 22.80
CA ILE A 336 10.43 -0.49 22.43
C ILE A 336 11.16 -0.98 23.64
N ASN A 337 11.86 -2.09 23.48
CA ASN A 337 12.67 -2.63 24.56
C ASN A 337 13.98 -3.19 24.05
N VAL A 338 15.09 -2.71 24.58
CA VAL A 338 16.40 -3.20 24.18
C VAL A 338 17.10 -3.97 25.30
N LYS A 339 17.27 -5.26 25.12
CA LYS A 339 18.00 -6.07 26.08
C LYS A 339 19.42 -6.27 25.58
N ALA A 340 20.30 -6.78 26.44
CA ALA A 340 21.66 -7.08 26.01
C ALA A 340 22.18 -8.30 26.73
N THR A 341 23.09 -9.03 26.10
CA THR A 341 23.74 -10.17 26.74
C THR A 341 25.13 -10.45 26.17
N THR A 342 26.06 -10.76 27.05
CA THR A 342 27.33 -11.38 26.66
C THR A 342 27.08 -12.85 26.37
N THR A 343 28.08 -13.51 25.81
CA THR A 343 28.02 -14.96 25.64
C THR A 343 29.04 -15.63 26.59
N GLU A 344 29.29 -14.95 27.71
CA GLU A 344 30.21 -15.47 28.74
C GLU A 344 31.52 -15.92 28.10
N LYS A 345 32.12 -15.05 27.30
CA LYS A 345 33.43 -15.28 26.70
C LYS A 345 33.51 -16.41 25.69
N LEU A 346 32.37 -17.04 25.38
CA LEU A 346 32.36 -18.16 24.44
C LEU A 346 32.02 -17.72 23.03
N GLY A 347 32.51 -18.47 22.06
CA GLY A 347 32.25 -18.19 20.66
C GLY A 347 32.86 -16.87 20.19
N PHE A 348 32.66 -16.56 18.91
CA PHE A 348 33.19 -15.31 18.36
C PHE A 348 32.69 -14.08 19.15
N ILE A 349 31.42 -14.07 19.57
CA ILE A 349 30.90 -12.90 20.28
C ILE A 349 31.69 -12.72 21.57
N GLY A 350 31.93 -13.84 22.26
CA GLY A 350 32.53 -13.84 23.58
C GLY A 350 34.02 -13.58 23.53
N ARG A 351 34.64 -13.99 22.43
CA ARG A 351 36.04 -13.67 22.09
C ARG A 351 36.26 -12.21 21.65
N LYS A 352 35.17 -11.49 21.39
CA LYS A 352 35.18 -10.08 20.99
C LYS A 352 35.49 -9.82 19.52
N GLU A 353 35.26 -10.82 18.69
CA GLU A 353 35.50 -10.67 17.25
C GLU A 353 34.48 -9.77 16.56
N GLY A 354 33.22 -9.84 16.98
CA GLY A 354 32.14 -8.98 16.47
C GLY A 354 30.95 -8.92 17.42
N MET A 355 29.85 -8.28 17.02
CA MET A 355 28.63 -8.37 17.82
C MET A 355 27.39 -8.74 16.99
N ALA A 356 26.40 -9.38 17.61
CA ALA A 356 25.17 -9.72 16.91
C ALA A 356 23.98 -9.08 17.59
N VAL A 357 22.89 -8.90 16.84
CA VAL A 357 21.63 -8.40 17.40
C VAL A 357 20.43 -9.22 16.91
N LEU A 358 19.55 -9.60 17.84
CA LEU A 358 18.36 -10.36 17.50
C LEU A 358 17.09 -9.56 17.79
N SER A 359 16.41 -9.12 16.73
CA SER A 359 15.15 -8.38 16.86
C SER A 359 13.90 -9.26 16.68
N SER A 360 12.85 -8.91 17.42
CA SER A 360 11.58 -9.57 17.38
C SER A 360 10.52 -8.45 17.32
N VAL A 361 9.52 -8.62 16.47
CA VAL A 361 8.51 -7.59 16.24
C VAL A 361 7.13 -8.22 16.00
N ASN A 362 6.06 -7.48 16.32
CA ASN A 362 4.70 -7.82 15.89
C ASN A 362 4.06 -6.65 15.16
N LEU A 363 3.46 -6.94 14.01
CA LEU A 363 2.81 -5.93 13.20
C LEU A 363 1.33 -6.24 13.20
N LYS A 364 0.50 -5.21 13.35
CA LYS A 364 -0.96 -5.32 13.19
C LYS A 364 -1.35 -4.56 11.95
N TYR A 365 -2.55 -4.84 11.42
CA TYR A 365 -3.05 -4.07 10.30
C TYR A 365 -3.45 -2.69 10.79
N PHE A 366 -3.15 -1.68 9.98
CA PHE A 366 -3.49 -0.29 10.30
C PHE A 366 -4.95 -0.08 10.68
N ASP A 367 -5.20 0.46 11.86
CA ASP A 367 -6.56 0.81 12.25
C ASP A 367 -6.99 2.11 11.55
N TRP A 368 -7.76 1.97 10.48
CA TRP A 368 -8.11 3.14 9.66
C TRP A 368 -9.34 3.88 10.20
N THR A 369 -9.89 3.40 11.32
CA THR A 369 -10.98 4.10 12.02
C THR A 369 -10.46 5.30 12.82
N ARG A 370 -9.35 5.88 12.38
CA ARG A 370 -8.52 6.86 13.15
C ARG A 370 -8.13 6.37 14.56
ZN ZN B . 24.47 -5.02 9.06
O3P C5P C . 24.57 -8.44 5.95
P C5P C . 25.19 -9.53 5.11
O1P C5P C . 25.25 -10.87 5.82
O2P C5P C . 26.48 -9.15 4.39
O5' C5P C . 24.13 -9.74 3.91
C5' C5P C . 23.62 -8.68 3.11
C4' C5P C . 22.50 -9.25 2.25
O4' C5P C . 22.94 -10.33 1.38
C3' C5P C . 21.31 -9.83 3.03
O3' C5P C . 20.33 -8.87 3.39
C2' C5P C . 20.75 -10.89 2.11
O2' C5P C . 19.79 -10.31 1.23
C1' C5P C . 21.91 -11.32 1.23
N1 C5P C . 22.39 -12.68 1.53
C2 C5P C . 21.99 -13.77 0.74
N3 C5P C . 22.46 -15.02 0.98
C4 C5P C . 23.30 -15.25 2.02
C5 C5P C . 23.71 -14.20 2.82
C6 C5P C . 23.23 -12.91 2.55
O2 C5P C . 21.21 -13.59 -0.22
N4 C5P C . 23.77 -16.49 2.28
O3P C5P D . -9.22 7.96 -7.94
P C5P D . -8.94 8.42 -9.37
O1P C5P D . -7.49 8.82 -9.51
O2P C5P D . -9.96 9.36 -10.00
O5' C5P D . -9.06 7.10 -10.27
C5' C5P D . -10.12 6.17 -10.05
C4' C5P D . -9.59 4.75 -9.92
O4' C5P D . -8.67 4.52 -10.99
C3' C5P D . -8.86 4.50 -8.62
O3' C5P D . -9.35 3.31 -8.03
C2' C5P D . -7.41 4.34 -9.01
O2' C5P D . -6.80 3.29 -8.31
C1' C5P D . -7.47 3.98 -10.49
N1 C5P D . -6.30 4.52 -11.21
C2 C5P D . -5.51 3.66 -12.02
N3 C5P D . -4.44 4.18 -12.67
C4 C5P D . -4.12 5.49 -12.54
C5 C5P D . -4.88 6.34 -11.76
C6 C5P D . -5.99 5.82 -11.09
O2 C5P D . -5.77 2.44 -12.17
N4 C5P D . -3.04 5.97 -13.19
C1 GPP E . 28.13 -18.78 16.34
O1 GPP E . 29.07 -19.85 16.38
C2 GPP E . 26.72 -19.30 16.40
C3 GPP E . 25.69 -18.68 15.79
C4 GPP E . 25.89 -17.45 14.95
C5 GPP E . 24.30 -19.26 15.92
C6 GPP E . 23.45 -18.43 16.88
C7 GPP E . 22.18 -17.96 16.19
C8 GPP E . 21.31 -17.08 16.71
C9 GPP E . 20.07 -16.70 15.93
C10 GPP E . 21.50 -16.46 18.06
PA GPP E . 30.33 -19.81 17.37
O1A GPP E . 30.52 -18.33 17.96
O2A GPP E . 30.08 -20.83 18.56
O3A GPP E . 31.61 -20.25 16.51
PB GPP E . 33.12 -20.12 17.12
O1B GPP E . 33.99 -21.41 16.78
O2B GPP E . 33.85 -18.86 16.49
O3B GPP E . 33.06 -19.97 18.69
#